data_7R7Y
#
_entry.id   7R7Y
#
_cell.length_a   50.335
_cell.length_b   81.828
_cell.length_c   109.920
_cell.angle_alpha   90.000
_cell.angle_beta   90.000
_cell.angle_gamma   90.000
#
_symmetry.space_group_name_H-M   'P 21 21 21'
#
loop_
_entity.id
_entity.type
_entity.pdbx_description
1 polymer 'MHC class I antigen'
2 polymer Beta-2-microglobulin
3 polymer GLN-ALA-THR-GLN-GLU-VAL-LYS-ASN-TRP
4 non-polymer GLYCEROL
5 water water
#
loop_
_entity_poly.entity_id
_entity_poly.type
_entity_poly.pdbx_seq_one_letter_code
_entity_poly.pdbx_strand_id
1 'polypeptide(L)'
;GSHSMRYFYTAMSRPGRGEPRFIAVGYVDDTQFVRFDSDAASPRMAPRAPWIEQEGPEYWDGETRNMKASAQTYRENLRI
ALRYYNQSEAGSHIIQVMYGCDVGPDGRLLRGHDQSAYDGKDYIALNEDLSSWTAADTAAQITQRKWEAARVAEQLRAYL
EGLCVEWLRRYLENGKETLQRADPPKTHVTHHPISDHEATLRCWALGFYPAEITLTWQRDGEDQTQDTELVETRPAGDRT
FQKWAAVVVPSGEEQRYTCHVQHEGLPKPLTLRWEP
;
A
2 'polypeptide(L)'
;MQRTPKIQVYSRHPAENGKSNFLNCYVSGFHPSDIEVDLLKNGERIEKVEHSDLSFSKDWSFYLLYYTEFTPTEKDEYAC
RVNHVTLSQPKIVKWDRDM
;
B
3 'polypeptide(L)' QATQEVKNW C
#
loop_
_chem_comp.id
_chem_comp.type
_chem_comp.name
_chem_comp.formula
GOL non-polymer GLYCEROL 'C3 H8 O3'
#
# COMPACT_ATOMS: atom_id res chain seq x y z
N GLY A 1 -8.66 -18.69 -4.36
CA GLY A 1 -7.48 -19.14 -3.66
C GLY A 1 -7.46 -18.71 -2.21
N SER A 2 -6.29 -18.29 -1.74
CA SER A 2 -6.13 -17.81 -0.37
CA SER A 2 -6.16 -17.82 -0.37
C SER A 2 -6.46 -16.33 -0.31
N HIS A 3 -6.80 -15.86 0.89
CA HIS A 3 -7.21 -14.46 1.04
C HIS A 3 -6.67 -13.92 2.35
N SER A 4 -6.62 -12.58 2.43
CA SER A 4 -6.16 -11.95 3.66
C SER A 4 -7.09 -10.80 4.05
N MET A 5 -7.09 -10.50 5.35
CA MET A 5 -7.67 -9.26 5.84
C MET A 5 -6.62 -8.55 6.69
N ARG A 6 -6.47 -7.26 6.49
CA ARG A 6 -5.46 -6.50 7.21
C ARG A 6 -6.00 -5.15 7.63
N TYR A 7 -5.69 -4.75 8.86
CA TYR A 7 -5.90 -3.38 9.30
C TYR A 7 -4.53 -2.72 9.47
N PHE A 8 -4.45 -1.46 9.03
CA PHE A 8 -3.21 -0.67 9.08
C PHE A 8 -3.52 0.60 9.86
N TYR A 9 -2.79 0.82 10.94
CA TYR A 9 -2.90 2.06 11.71
C TYR A 9 -1.64 2.89 11.57
N THR A 10 -1.80 4.22 11.44
CA THR A 10 -0.69 5.16 11.51
C THR A 10 -1.06 6.23 12.53
N ALA A 11 -0.21 6.42 13.54
CA ALA A 11 -0.40 7.47 14.54
C ALA A 11 0.81 8.40 14.46
N MET A 12 0.57 9.69 14.24
CA MET A 12 1.64 10.66 13.94
CA MET A 12 1.67 10.62 14.01
C MET A 12 1.56 11.84 14.91
N SER A 13 2.53 12.00 15.80
CA SER A 13 2.54 13.19 16.65
C SER A 13 3.03 14.41 15.87
N ARG A 14 2.66 15.59 16.39
CA ARG A 14 2.98 16.83 15.69
C ARG A 14 2.98 17.94 16.72
N PRO A 15 3.97 18.01 17.62
CA PRO A 15 3.92 18.98 18.72
C PRO A 15 3.75 20.41 18.23
N GLY A 16 2.82 21.12 18.88
CA GLY A 16 2.48 22.46 18.48
C GLY A 16 1.37 22.53 17.45
N ARG A 17 0.96 21.40 16.88
CA ARG A 17 -0.09 21.35 15.86
C ARG A 17 -1.19 20.40 16.27
N GLY A 18 -1.49 20.37 17.58
CA GLY A 18 -2.58 19.55 18.08
C GLY A 18 -2.13 18.19 18.54
N GLU A 19 -3.12 17.34 18.82
CA GLU A 19 -2.91 15.97 19.24
C GLU A 19 -2.54 15.11 18.04
N PRO A 20 -1.94 13.95 18.28
CA PRO A 20 -1.47 13.14 17.15
C PRO A 20 -2.61 12.70 16.26
N ARG A 21 -2.36 12.72 14.95
CA ARG A 21 -3.33 12.23 13.98
C ARG A 21 -3.33 10.71 13.97
N PHE A 22 -4.52 10.11 13.90
CA PHE A 22 -4.67 8.65 13.81
C PHE A 22 -5.46 8.31 12.56
N ILE A 23 -4.87 7.51 11.68
CA ILE A 23 -5.51 7.07 10.44
C ILE A 23 -5.50 5.56 10.44
N ALA A 24 -6.66 4.96 10.18
CA ALA A 24 -6.75 3.51 10.04
C ALA A 24 -7.39 3.17 8.70
N VAL A 25 -6.84 2.15 8.04
CA VAL A 25 -7.48 1.62 6.83
C VAL A 25 -7.57 0.10 6.94
N GLY A 26 -8.60 -0.45 6.33
CA GLY A 26 -8.83 -1.89 6.32
C GLY A 26 -8.84 -2.38 4.88
N TYR A 27 -8.22 -3.55 4.66
CA TYR A 27 -8.12 -4.18 3.34
C TYR A 27 -8.58 -5.63 3.42
N VAL A 28 -9.14 -6.08 2.29
CA VAL A 28 -9.35 -7.49 2.03
C VAL A 28 -8.53 -7.64 0.72
N ASP A 29 -7.50 -8.48 0.85
CA ASP A 29 -6.55 -8.65 -0.24
C ASP A 29 -5.98 -7.27 -0.59
N ASP A 30 -6.12 -6.90 -1.87
CA ASP A 30 -5.66 -5.62 -2.37
C ASP A 30 -6.79 -4.57 -2.55
N THR A 31 -7.88 -4.80 -1.83
CA THR A 31 -9.07 -3.95 -1.91
C THR A 31 -9.28 -3.27 -0.56
N GLN A 32 -9.14 -1.94 -0.54
CA GLN A 32 -9.46 -1.21 0.68
C GLN A 32 -10.98 -1.19 0.88
N PHE A 33 -11.45 -1.38 2.13
CA PHE A 33 -12.90 -1.35 2.33
C PHE A 33 -13.39 -0.44 3.45
N VAL A 34 -12.49 0.03 4.34
CA VAL A 34 -12.87 1.01 5.37
C VAL A 34 -11.73 1.98 5.59
N ARG A 35 -12.08 3.14 6.15
CA ARG A 35 -11.10 4.13 6.59
C ARG A 35 -11.62 4.87 7.80
N PHE A 36 -10.68 5.40 8.57
CA PHE A 36 -10.95 6.28 9.70
C PHE A 36 -9.85 7.33 9.74
N ASP A 37 -10.20 8.61 9.94
CA ASP A 37 -9.19 9.66 10.04
C ASP A 37 -9.59 10.60 11.17
N SER A 38 -8.77 10.70 12.20
CA SER A 38 -9.14 11.55 13.33
C SER A 38 -9.19 13.03 12.97
N ASP A 39 -8.61 13.44 11.83
CA ASP A 39 -8.63 14.85 11.41
C ASP A 39 -9.86 15.19 10.61
N ALA A 40 -10.68 14.20 10.25
CA ALA A 40 -11.85 14.51 9.45
C ALA A 40 -12.79 15.41 10.24
N ALA A 41 -13.62 16.16 9.49
CA ALA A 41 -14.58 17.03 10.15
C ALA A 41 -15.45 16.25 11.13
N SER A 42 -15.91 15.06 10.73
CA SER A 42 -16.69 14.17 11.60
C SER A 42 -16.09 12.78 11.54
N PRO A 43 -15.11 12.46 12.39
CA PRO A 43 -14.43 11.17 12.27
C PRO A 43 -15.38 9.99 12.53
N ARG A 44 -15.39 9.06 11.58
CA ARG A 44 -16.17 7.83 11.66
CA ARG A 44 -16.16 7.84 11.68
C ARG A 44 -15.44 6.78 10.86
N MET A 45 -15.63 5.51 11.24
CA MET A 45 -15.27 4.45 10.29
C MET A 45 -16.23 4.53 9.11
N ALA A 46 -15.66 4.62 7.91
CA ALA A 46 -16.45 4.90 6.73
C ALA A 46 -16.17 3.88 5.65
N PRO A 47 -17.18 3.56 4.83
CA PRO A 47 -17.00 2.55 3.77
C PRO A 47 -16.14 3.06 2.62
N ARG A 48 -15.34 2.15 2.05
CA ARG A 48 -14.57 2.44 0.86
C ARG A 48 -14.72 1.37 -0.23
N ALA A 49 -15.60 0.40 -0.04
CA ALA A 49 -15.92 -0.63 -1.02
C ALA A 49 -17.43 -0.83 -1.01
N PRO A 50 -18.05 -1.15 -2.15
CA PRO A 50 -19.50 -1.22 -2.17
C PRO A 50 -20.07 -2.35 -1.31
N TRP A 51 -19.37 -3.47 -1.16
CA TRP A 51 -19.93 -4.63 -0.46
C TRP A 51 -19.95 -4.47 1.05
N ILE A 52 -19.25 -3.46 1.60
CA ILE A 52 -19.30 -3.24 3.04
C ILE A 52 -20.47 -2.35 3.43
N GLU A 53 -21.08 -1.65 2.45
CA GLU A 53 -22.11 -0.67 2.78
C GLU A 53 -23.35 -1.31 3.38
N GLN A 54 -23.61 -2.58 3.07
CA GLN A 54 -24.78 -3.25 3.61
C GLN A 54 -24.69 -3.54 5.10
N GLU A 55 -23.52 -3.42 5.73
CA GLU A 55 -23.48 -3.59 7.17
C GLU A 55 -24.33 -2.52 7.85
N GLY A 56 -24.96 -2.90 8.95
CA GLY A 56 -25.93 -2.04 9.59
C GLY A 56 -25.33 -1.03 10.54
N PRO A 57 -26.17 -0.18 11.13
CA PRO A 57 -25.65 0.87 12.02
C PRO A 57 -24.90 0.34 13.23
N GLU A 58 -25.25 -0.86 13.73
CA GLU A 58 -24.52 -1.43 14.85
C GLU A 58 -23.06 -1.68 14.48
N TYR A 59 -22.84 -2.14 13.25
CA TYR A 59 -21.48 -2.35 12.77
C TYR A 59 -20.70 -1.05 12.73
N TRP A 60 -21.27 -0.03 12.09
CA TRP A 60 -20.56 1.23 11.89
C TRP A 60 -20.35 1.96 13.20
N ASP A 61 -21.35 1.94 14.09
CA ASP A 61 -21.18 2.55 15.40
C ASP A 61 -20.12 1.84 16.23
N GLY A 62 -20.10 0.50 16.19
CA GLY A 62 -19.07 -0.24 16.90
C GLY A 62 -17.67 0.00 16.34
N GLU A 63 -17.53 0.04 15.01
CA GLU A 63 -16.22 0.30 14.43
C GLU A 63 -15.75 1.71 14.77
N THR A 64 -16.66 2.69 14.71
CA THR A 64 -16.28 4.06 15.04
C THR A 64 -15.88 4.17 16.51
N ARG A 65 -16.63 3.53 17.41
CA ARG A 65 -16.26 3.60 18.83
C ARG A 65 -14.89 3.01 19.05
N ASN A 66 -14.61 1.87 18.41
CA ASN A 66 -13.30 1.21 18.54
C ASN A 66 -12.20 2.11 17.99
N MET A 67 -12.42 2.72 16.83
CA MET A 67 -11.37 3.56 16.27
C MET A 67 -11.08 4.78 17.13
N LYS A 68 -12.12 5.42 17.70
CA LYS A 68 -11.87 6.55 18.59
C LYS A 68 -11.08 6.11 19.82
N ALA A 69 -11.42 4.94 20.37
CA ALA A 69 -10.69 4.44 21.52
C ALA A 69 -9.26 4.08 21.15
N SER A 70 -9.08 3.46 19.97
CA SER A 70 -7.74 3.12 19.50
C SER A 70 -6.89 4.37 19.25
N ALA A 71 -7.51 5.43 18.73
CA ALA A 71 -6.75 6.68 18.56
C ALA A 71 -6.22 7.18 19.90
N GLN A 72 -7.05 7.13 20.94
CA GLN A 72 -6.59 7.57 22.25
CA GLN A 72 -6.59 7.57 22.26
C GLN A 72 -5.47 6.68 22.76
N THR A 73 -5.60 5.36 22.57
CA THR A 73 -4.57 4.43 23.01
C THR A 73 -3.24 4.73 22.35
N TYR A 74 -3.25 5.01 21.02
CA TYR A 74 -1.99 5.27 20.32
C TYR A 74 -1.43 6.65 20.63
N ARG A 75 -2.28 7.62 20.98
CA ARG A 75 -1.76 8.87 21.52
C ARG A 75 -0.99 8.62 22.82
N GLU A 76 -1.54 7.77 23.70
CA GLU A 76 -0.82 7.37 24.91
C GLU A 76 0.45 6.61 24.58
N ASN A 77 0.39 5.72 23.59
CA ASN A 77 1.58 4.94 23.24
C ASN A 77 2.69 5.83 22.68
N LEU A 78 2.34 6.90 21.95
CA LEU A 78 3.38 7.81 21.47
C LEU A 78 4.08 8.49 22.66
N ARG A 79 3.34 8.85 23.72
CA ARG A 79 3.96 9.44 24.90
C ARG A 79 4.85 8.43 25.61
N ILE A 80 4.39 7.18 25.69
CA ILE A 80 5.18 6.12 26.32
C ILE A 80 6.46 5.92 25.54
N ALA A 81 6.38 5.87 24.20
CA ALA A 81 7.57 5.66 23.38
C ALA A 81 8.63 6.73 23.61
N LEU A 82 8.23 7.98 23.81
CA LEU A 82 9.21 9.02 24.17
C LEU A 82 10.00 8.63 25.41
N ARG A 83 9.33 8.11 26.43
CA ARG A 83 10.03 7.71 27.64
C ARG A 83 10.95 6.53 27.37
N TYR A 84 10.53 5.61 26.50
CA TYR A 84 11.33 4.42 26.25
C TYR A 84 12.58 4.70 25.42
N TYR A 85 12.60 5.79 24.66
CA TYR A 85 13.74 6.12 23.81
C TYR A 85 14.44 7.40 24.27
N ASN A 86 14.06 7.93 25.44
CA ASN A 86 14.72 9.12 26.00
C ASN A 86 14.61 10.30 25.07
N GLN A 87 13.43 10.47 24.45
CA GLN A 87 13.21 11.53 23.46
C GLN A 87 12.41 12.69 24.05
N SER A 88 12.55 13.85 23.42
CA SER A 88 11.88 15.05 23.89
C SER A 88 10.47 15.15 23.32
N GLU A 89 9.69 16.03 23.95
CA GLU A 89 8.33 16.30 23.50
C GLU A 89 8.29 17.26 22.32
N ALA A 90 9.44 17.64 21.78
CA ALA A 90 9.51 18.62 20.69
C ALA A 90 9.39 17.99 19.30
N GLY A 91 9.77 16.72 19.14
CA GLY A 91 9.83 16.14 17.83
C GLY A 91 8.57 15.37 17.43
N SER A 92 8.45 15.13 16.14
CA SER A 92 7.34 14.37 15.59
CA SER A 92 7.34 14.38 15.56
C SER A 92 7.76 12.92 15.38
N HIS A 93 6.90 12.00 15.81
CA HIS A 93 7.18 10.56 15.73
C HIS A 93 5.97 9.81 15.22
N ILE A 94 6.19 8.57 14.77
CA ILE A 94 5.12 7.80 14.14
C ILE A 94 5.09 6.37 14.69
N ILE A 95 3.91 5.90 15.08
CA ILE A 95 3.70 4.48 15.36
C ILE A 95 2.87 3.91 14.21
N GLN A 96 3.27 2.74 13.72
CA GLN A 96 2.47 2.05 12.72
C GLN A 96 2.17 0.64 13.23
N VAL A 97 1.01 0.14 12.85
CA VAL A 97 0.58 -1.22 13.24
C VAL A 97 -0.07 -1.88 12.04
N MET A 98 0.23 -3.16 11.82
CA MET A 98 -0.50 -3.95 10.83
CA MET A 98 -0.54 -3.92 10.85
C MET A 98 -0.91 -5.24 11.50
N TYR A 99 -2.17 -5.64 11.34
CA TYR A 99 -2.58 -6.93 11.90
C TYR A 99 -3.66 -7.55 11.03
N GLY A 100 -3.87 -8.84 11.19
CA GLY A 100 -4.93 -9.49 10.43
C GLY A 100 -4.64 -10.95 10.23
N CYS A 101 -5.45 -11.56 9.37
CA CYS A 101 -5.44 -13.02 9.22
C CYS A 101 -5.40 -13.39 7.75
N ASP A 102 -4.79 -14.56 7.47
CA ASP A 102 -4.79 -15.17 6.13
C ASP A 102 -5.59 -16.46 6.21
N VAL A 103 -6.41 -16.72 5.20
CA VAL A 103 -7.17 -17.97 5.16
C VAL A 103 -6.87 -18.68 3.85
N GLY A 104 -7.01 -20.01 3.87
CA GLY A 104 -6.87 -20.79 2.67
C GLY A 104 -8.18 -20.89 1.89
N PRO A 105 -8.16 -21.61 0.77
CA PRO A 105 -9.38 -21.74 -0.05
C PRO A 105 -10.57 -22.29 0.71
N ASP A 106 -10.34 -23.15 1.71
CA ASP A 106 -11.43 -23.67 2.53
C ASP A 106 -11.83 -22.76 3.66
N GLY A 107 -11.26 -21.56 3.76
CA GLY A 107 -11.63 -20.60 4.78
C GLY A 107 -10.95 -20.78 6.12
N ARG A 108 -10.07 -21.76 6.27
CA ARG A 108 -9.42 -22.02 7.54
C ARG A 108 -8.23 -21.09 7.73
N LEU A 109 -7.96 -20.73 8.99
CA LEU A 109 -6.82 -19.88 9.28
C LEU A 109 -5.52 -20.49 8.80
N LEU A 110 -4.78 -19.74 8.01
CA LEU A 110 -3.43 -20.09 7.55
C LEU A 110 -2.37 -19.46 8.45
N ARG A 111 -2.51 -18.18 8.76
CA ARG A 111 -1.64 -17.60 9.76
C ARG A 111 -2.18 -16.23 10.15
N GLY A 112 -1.81 -15.79 11.35
CA GLY A 112 -2.20 -14.50 11.87
C GLY A 112 -1.00 -13.57 11.99
N HIS A 113 -1.27 -12.26 12.07
CA HIS A 113 -0.25 -11.22 12.12
C HIS A 113 -0.64 -10.14 13.10
N ASP A 114 0.35 -9.59 13.82
CA ASP A 114 0.15 -8.36 14.60
C ASP A 114 1.54 -7.76 14.82
N GLN A 115 1.89 -6.75 14.02
CA GLN A 115 3.25 -6.22 14.02
C GLN A 115 3.22 -4.70 14.12
N SER A 116 4.15 -4.12 14.88
CA SER A 116 4.17 -2.69 15.09
CA SER A 116 4.18 -2.69 15.07
C SER A 116 5.57 -2.14 14.82
N ALA A 117 5.61 -0.84 14.51
CA ALA A 117 6.84 -0.11 14.22
C ALA A 117 6.81 1.22 14.95
N TYR A 118 8.01 1.75 15.19
CA TYR A 118 8.18 3.10 15.73
C TYR A 118 9.16 3.82 14.82
N ASP A 119 8.76 4.98 14.32
CA ASP A 119 9.57 5.77 13.39
C ASP A 119 10.11 4.92 12.23
N GLY A 120 9.26 4.02 11.76
CA GLY A 120 9.55 3.29 10.53
C GLY A 120 10.41 2.07 10.71
N LYS A 121 10.73 1.72 11.94
CA LYS A 121 11.55 0.55 12.25
C LYS A 121 10.74 -0.44 13.07
N ASP A 122 10.96 -1.73 12.80
CA ASP A 122 10.33 -2.76 13.62
C ASP A 122 10.42 -2.43 15.10
N TYR A 123 9.29 -2.63 15.80
CA TYR A 123 9.22 -2.47 17.25
C TYR A 123 8.90 -3.81 17.92
N ILE A 124 7.69 -4.32 17.78
CA ILE A 124 7.36 -5.62 18.36
C ILE A 124 6.44 -6.36 17.41
N ALA A 125 6.58 -7.69 17.37
CA ALA A 125 5.74 -8.49 16.47
C ALA A 125 5.25 -9.72 17.21
N LEU A 126 3.96 -10.04 17.02
CA LEU A 126 3.44 -11.34 17.46
C LEU A 126 4.02 -12.45 16.60
N ASN A 127 4.57 -13.49 17.26
CA ASN A 127 5.15 -14.56 16.47
C ASN A 127 4.05 -15.42 15.83
N GLU A 128 4.47 -16.24 14.87
CA GLU A 128 3.51 -17.07 14.11
C GLU A 128 2.73 -18.01 15.02
N ASP A 129 3.29 -18.39 16.18
CA ASP A 129 2.55 -19.22 17.14
C ASP A 129 1.36 -18.50 17.76
N LEU A 130 1.22 -17.18 17.56
CA LEU A 130 0.18 -16.36 18.19
C LEU A 130 0.21 -16.46 19.71
N SER A 131 1.41 -16.70 20.27
CA SER A 131 1.57 -16.90 21.71
CA SER A 131 1.56 -16.86 21.71
C SER A 131 2.79 -16.22 22.29
N SER A 132 3.80 -15.89 21.50
CA SER A 132 5.00 -15.23 21.97
C SER A 132 5.32 -14.04 21.07
N TRP A 133 6.28 -13.23 21.52
CA TRP A 133 6.60 -11.96 20.87
C TRP A 133 8.05 -11.90 20.44
N THR A 134 8.32 -11.11 19.38
CA THR A 134 9.68 -10.75 19.02
C THR A 134 9.81 -9.24 19.17
N ALA A 135 10.68 -8.80 20.10
CA ALA A 135 10.96 -7.40 20.35
C ALA A 135 12.24 -7.01 19.61
N ALA A 136 12.21 -5.86 18.93
CA ALA A 136 13.36 -5.48 18.11
C ALA A 136 14.49 -4.82 18.90
N ASP A 137 14.22 -4.33 20.10
CA ASP A 137 15.21 -3.57 20.84
C ASP A 137 14.81 -3.58 22.32
N THR A 138 15.65 -2.96 23.17
CA THR A 138 15.39 -3.04 24.60
C THR A 138 14.16 -2.23 25.02
N ALA A 139 13.74 -1.23 24.22
CA ALA A 139 12.48 -0.55 24.52
C ALA A 139 11.30 -1.47 24.29
N ALA A 140 11.29 -2.18 23.14
CA ALA A 140 10.18 -3.07 22.88
C ALA A 140 10.16 -4.26 23.84
N GLN A 141 11.30 -4.61 24.42
CA GLN A 141 11.30 -5.63 25.47
C GLN A 141 10.51 -5.19 26.68
N ILE A 142 10.46 -3.88 26.97
CA ILE A 142 9.62 -3.41 28.06
C ILE A 142 8.15 -3.66 27.75
N THR A 143 7.73 -3.30 26.53
CA THR A 143 6.38 -3.64 26.08
C THR A 143 6.13 -5.14 26.14
N GLN A 144 7.09 -5.95 25.64
CA GLN A 144 6.94 -7.40 25.69
C GLN A 144 6.66 -7.91 27.10
N ARG A 145 7.43 -7.40 28.08
CA ARG A 145 7.21 -7.88 29.45
C ARG A 145 5.80 -7.51 29.92
N LYS A 146 5.34 -6.31 29.56
CA LYS A 146 4.01 -5.86 29.95
CA LYS A 146 4.00 -5.87 29.95
C LYS A 146 2.94 -6.72 29.30
N TRP A 147 3.14 -7.05 28.03
CA TRP A 147 2.16 -7.83 27.29
C TRP A 147 2.19 -9.30 27.69
N GLU A 148 3.35 -9.82 28.08
CA GLU A 148 3.36 -11.17 28.64
C GLU A 148 2.63 -11.21 29.97
N ALA A 149 2.85 -10.19 30.83
CA ALA A 149 2.19 -10.21 32.14
C ALA A 149 0.67 -10.15 31.99
N ALA A 150 0.18 -9.40 30.99
CA ALA A 150 -1.25 -9.20 30.77
C ALA A 150 -1.87 -10.24 29.84
N ARG A 151 -1.10 -11.24 29.40
CA ARG A 151 -1.60 -12.28 28.49
C ARG A 151 -2.29 -11.66 27.26
N VAL A 152 -1.63 -10.64 26.69
CA VAL A 152 -2.14 -9.99 25.48
C VAL A 152 -2.22 -10.96 24.32
N ALA A 153 -1.20 -11.82 24.15
CA ALA A 153 -1.18 -12.71 22.99
C ALA A 153 -2.41 -13.61 22.96
N GLU A 154 -2.88 -14.06 24.13
CA GLU A 154 -4.06 -14.94 24.17
C GLU A 154 -5.28 -14.22 23.61
N GLN A 155 -5.40 -12.92 23.88
CA GLN A 155 -6.55 -12.18 23.40
C GLN A 155 -6.43 -11.94 21.90
N LEU A 156 -5.23 -11.63 21.42
CA LEU A 156 -5.05 -11.47 19.98
C LEU A 156 -5.27 -12.77 19.25
N ARG A 157 -4.75 -13.88 19.79
CA ARG A 157 -5.01 -15.19 19.20
C ARG A 157 -6.51 -15.45 19.09
N ALA A 158 -7.27 -15.10 20.13
CA ALA A 158 -8.70 -15.37 20.09
C ALA A 158 -9.38 -14.59 18.97
N TYR A 159 -8.92 -13.36 18.74
CA TYR A 159 -9.42 -12.58 17.61
C TYR A 159 -8.98 -13.18 16.28
N LEU A 160 -7.69 -13.50 16.15
CA LEU A 160 -7.17 -13.89 14.85
C LEU A 160 -7.74 -15.21 14.38
N GLU A 161 -7.99 -16.14 15.31
CA GLU A 161 -8.59 -17.44 15.00
C GLU A 161 -10.10 -17.41 14.91
N GLY A 162 -10.72 -16.37 15.45
CA GLY A 162 -12.17 -16.31 15.60
C GLY A 162 -12.77 -15.22 14.73
N LEU A 163 -13.04 -14.06 15.33
CA LEU A 163 -13.74 -13.00 14.62
C LEU A 163 -13.01 -12.57 13.36
N CYS A 164 -11.66 -12.56 13.35
CA CYS A 164 -10.96 -12.15 12.15
C CYS A 164 -11.33 -13.03 10.97
N VAL A 165 -11.24 -14.36 11.16
CA VAL A 165 -11.51 -15.23 10.03
C VAL A 165 -13.00 -15.26 9.72
N GLU A 166 -13.86 -15.12 10.74
CA GLU A 166 -15.29 -15.16 10.50
C GLU A 166 -15.74 -13.94 9.69
N TRP A 167 -15.23 -12.76 10.05
CA TRP A 167 -15.60 -11.56 9.29
C TRP A 167 -15.00 -11.59 7.90
N LEU A 168 -13.74 -12.05 7.77
CA LEU A 168 -13.15 -12.19 6.45
C LEU A 168 -13.99 -13.08 5.54
N ARG A 169 -14.47 -14.21 6.07
CA ARG A 169 -15.30 -15.11 5.27
C ARG A 169 -16.59 -14.41 4.85
N ARG A 170 -17.17 -13.63 5.76
CA ARG A 170 -18.39 -12.88 5.43
C ARG A 170 -18.13 -11.87 4.32
N TYR A 171 -17.05 -11.09 4.46
CA TYR A 171 -16.71 -10.11 3.43
C TYR A 171 -16.45 -10.76 2.09
N LEU A 172 -15.73 -11.89 2.08
CA LEU A 172 -15.48 -12.59 0.83
C LEU A 172 -16.78 -13.02 0.16
N GLU A 173 -17.77 -13.42 0.95
CA GLU A 173 -19.05 -13.83 0.35
C GLU A 173 -19.81 -12.62 -0.15
N ASN A 174 -19.89 -11.58 0.67
CA ASN A 174 -20.64 -10.39 0.24
C ASN A 174 -19.98 -9.71 -0.95
N GLY A 175 -18.65 -9.77 -1.05
CA GLY A 175 -17.93 -9.19 -2.16
C GLY A 175 -17.47 -10.19 -3.21
N LYS A 176 -18.19 -11.32 -3.32
CA LYS A 176 -17.64 -12.42 -4.12
C LYS A 176 -17.44 -12.03 -5.58
N GLU A 177 -18.28 -11.12 -6.13
CA GLU A 177 -18.13 -10.74 -7.54
CA GLU A 177 -18.11 -10.79 -7.55
C GLU A 177 -16.80 -10.05 -7.85
N THR A 178 -16.13 -9.46 -6.85
CA THR A 178 -14.88 -8.73 -7.06
C THR A 178 -13.74 -9.33 -6.25
N LEU A 179 -13.97 -9.57 -4.96
CA LEU A 179 -12.91 -10.14 -4.14
C LEU A 179 -12.49 -11.52 -4.62
N GLN A 180 -13.42 -12.29 -5.20
CA GLN A 180 -13.11 -13.65 -5.66
C GLN A 180 -12.98 -13.73 -7.18
N ARG A 181 -12.60 -12.61 -7.81
CA ARG A 181 -12.36 -12.53 -9.25
C ARG A 181 -10.96 -12.01 -9.49
N ALA A 182 -10.14 -12.80 -10.16
CA ALA A 182 -8.85 -12.33 -10.60
C ALA A 182 -9.01 -11.81 -12.03
N ASP A 183 -8.41 -10.65 -12.29
CA ASP A 183 -8.37 -10.09 -13.63
C ASP A 183 -6.97 -10.27 -14.19
N PRO A 184 -6.77 -11.04 -15.25
CA PRO A 184 -5.40 -11.26 -15.75
C PRO A 184 -4.84 -10.00 -16.39
N PRO A 185 -3.52 -9.89 -16.48
CA PRO A 185 -2.94 -8.73 -17.13
C PRO A 185 -3.14 -8.77 -18.62
N LYS A 186 -3.31 -7.58 -19.20
CA LYS A 186 -3.19 -7.37 -20.64
C LYS A 186 -1.74 -7.02 -20.89
N THR A 187 -1.06 -7.76 -21.78
CA THR A 187 0.38 -7.65 -21.92
C THR A 187 0.79 -7.30 -23.35
N HIS A 188 1.89 -6.55 -23.47
CA HIS A 188 2.48 -6.30 -24.77
C HIS A 188 3.91 -5.81 -24.56
N VAL A 189 4.72 -5.92 -25.61
CA VAL A 189 6.10 -5.43 -25.60
C VAL A 189 6.22 -4.21 -26.53
N THR A 190 6.83 -3.14 -26.01
CA THR A 190 7.19 -2.00 -26.84
C THR A 190 8.69 -1.93 -27.07
N HIS A 191 9.06 -1.22 -28.13
CA HIS A 191 10.43 -1.15 -28.62
C HIS A 191 10.77 0.31 -28.82
N HIS A 192 11.85 0.77 -28.20
CA HIS A 192 12.27 2.17 -28.33
C HIS A 192 13.76 2.22 -28.63
N PRO A 193 14.19 2.57 -29.84
CA PRO A 193 15.63 2.74 -30.09
C PRO A 193 16.21 3.82 -29.17
N ILE A 194 17.38 3.53 -28.60
CA ILE A 194 18.17 4.48 -27.82
C ILE A 194 19.21 5.16 -28.69
N SER A 195 19.78 4.39 -29.61
CA SER A 195 20.88 4.76 -30.46
C SER A 195 20.84 3.81 -31.65
N ASP A 196 21.81 3.97 -32.55
CA ASP A 196 21.90 3.08 -33.70
C ASP A 196 22.22 1.64 -33.34
N HIS A 197 22.67 1.39 -32.12
CA HIS A 197 23.05 0.01 -31.82
C HIS A 197 22.47 -0.51 -30.51
N GLU A 198 21.56 0.23 -29.86
CA GLU A 198 20.84 -0.28 -28.68
C GLU A 198 19.39 0.16 -28.73
N ALA A 199 18.53 -0.64 -28.13
CA ALA A 199 17.12 -0.33 -28.03
C ALA A 199 16.58 -0.83 -26.70
N THR A 200 15.53 -0.17 -26.21
CA THR A 200 14.83 -0.63 -25.02
C THR A 200 13.66 -1.53 -25.42
N LEU A 201 13.58 -2.71 -24.82
CA LEU A 201 12.35 -3.48 -24.88
C LEU A 201 11.65 -3.35 -23.54
N ARG A 202 10.38 -2.99 -23.56
CA ARG A 202 9.62 -2.82 -22.33
C ARG A 202 8.41 -3.73 -22.37
N CYS A 203 8.30 -4.60 -21.38
CA CYS A 203 7.20 -5.55 -21.28
C CYS A 203 6.19 -4.98 -20.29
N TRP A 204 4.97 -4.77 -20.76
CA TRP A 204 3.91 -4.11 -20.01
C TRP A 204 2.89 -5.12 -19.53
N ALA A 205 2.40 -4.92 -18.31
CA ALA A 205 1.24 -5.65 -17.78
C ALA A 205 0.26 -4.63 -17.25
N LEU A 206 -0.98 -4.66 -17.75
CA LEU A 206 -1.97 -3.67 -17.40
C LEU A 206 -3.28 -4.32 -16.99
N GLY A 207 -4.02 -3.63 -16.09
CA GLY A 207 -5.38 -4.05 -15.83
C GLY A 207 -5.55 -5.27 -14.96
N PHE A 208 -4.55 -5.64 -14.18
CA PHE A 208 -4.61 -6.90 -13.45
C PHE A 208 -4.98 -6.71 -11.98
N TYR A 209 -5.57 -7.77 -11.42
CA TYR A 209 -5.94 -7.83 -10.02
C TYR A 209 -5.90 -9.29 -9.63
N PRO A 210 -5.27 -9.65 -8.49
CA PRO A 210 -4.65 -8.81 -7.48
C PRO A 210 -3.29 -8.30 -7.95
N ALA A 211 -2.58 -7.59 -7.06
CA ALA A 211 -1.37 -6.90 -7.46
C ALA A 211 -0.18 -7.84 -7.68
N GLU A 212 -0.15 -8.99 -7.01
CA GLU A 212 1.00 -9.89 -7.14
C GLU A 212 1.17 -10.31 -8.59
N ILE A 213 2.38 -10.15 -9.12
CA ILE A 213 2.68 -10.53 -10.50
C ILE A 213 4.18 -10.75 -10.58
N THR A 214 4.61 -11.57 -11.54
CA THR A 214 6.02 -11.68 -11.86
C THR A 214 6.22 -11.39 -13.34
N LEU A 215 7.11 -10.45 -13.64
CA LEU A 215 7.51 -10.09 -15.01
C LEU A 215 9.01 -10.30 -15.09
N THR A 216 9.44 -11.16 -16.00
CA THR A 216 10.85 -11.50 -16.18
C THR A 216 11.24 -11.42 -17.64
N TRP A 217 12.44 -10.91 -17.90
CA TRP A 217 13.03 -11.00 -19.22
C TRP A 217 14.07 -12.11 -19.28
N GLN A 218 14.05 -12.88 -20.37
CA GLN A 218 15.11 -13.83 -20.66
C GLN A 218 15.81 -13.45 -21.96
N ARG A 219 17.12 -13.71 -22.01
CA ARG A 219 17.93 -13.58 -23.20
C ARG A 219 18.46 -14.97 -23.50
N ASP A 220 18.13 -15.52 -24.66
CA ASP A 220 18.51 -16.90 -25.01
C ASP A 220 18.09 -17.86 -23.90
N GLY A 221 16.92 -17.60 -23.32
CA GLY A 221 16.36 -18.47 -22.31
C GLY A 221 16.93 -18.32 -20.92
N GLU A 222 17.83 -17.37 -20.69
CA GLU A 222 18.45 -17.13 -19.39
C GLU A 222 17.88 -15.86 -18.77
N ASP A 223 17.42 -15.97 -17.51
CA ASP A 223 16.85 -14.82 -16.81
C ASP A 223 17.85 -13.67 -16.75
N GLN A 224 17.36 -12.45 -16.97
CA GLN A 224 18.17 -11.24 -17.00
C GLN A 224 18.00 -10.40 -15.75
N THR A 225 17.93 -11.06 -14.59
CA THR A 225 17.51 -10.40 -13.36
C THR A 225 18.36 -9.17 -13.08
N GLN A 226 19.69 -9.33 -13.12
CA GLN A 226 20.57 -8.23 -12.76
C GLN A 226 20.64 -7.14 -13.83
N ASP A 227 20.06 -7.36 -15.01
CA ASP A 227 20.09 -6.39 -16.11
C ASP A 227 18.70 -5.83 -16.46
N THR A 228 17.69 -6.12 -15.66
CA THR A 228 16.33 -5.68 -15.94
C THR A 228 15.96 -4.49 -15.06
N GLU A 229 15.35 -3.47 -15.65
CA GLU A 229 14.73 -2.39 -14.88
C GLU A 229 13.27 -2.75 -14.62
N LEU A 230 12.90 -2.85 -13.33
CA LEU A 230 11.57 -3.26 -12.91
C LEU A 230 10.95 -2.13 -12.10
N VAL A 231 9.83 -1.54 -12.58
CA VAL A 231 9.18 -0.52 -11.76
C VAL A 231 8.30 -1.19 -10.71
N GLU A 232 8.05 -0.44 -9.63
CA GLU A 232 7.12 -0.88 -8.61
C GLU A 232 5.72 -1.00 -9.20
N THR A 233 5.02 -2.06 -8.80
CA THR A 233 3.62 -2.22 -9.18
C THR A 233 2.81 -1.03 -8.67
N ARG A 234 1.97 -0.48 -9.53
CA ARG A 234 1.32 0.79 -9.24
C ARG A 234 -0.18 0.67 -9.50
N PRO A 235 -0.99 1.38 -8.73
CA PRO A 235 -2.45 1.29 -8.91
C PRO A 235 -2.94 2.16 -10.05
N ALA A 236 -3.86 1.65 -10.82
CA ALA A 236 -4.45 2.45 -11.91
C ALA A 236 -5.57 3.43 -11.46
N GLY A 237 -6.18 3.04 -10.36
CA GLY A 237 -7.28 3.78 -9.77
C GLY A 237 -8.66 3.22 -9.98
N ASP A 238 -8.73 2.13 -10.71
CA ASP A 238 -9.95 1.41 -11.04
C ASP A 238 -10.05 -0.01 -10.44
N ARG A 239 -9.18 -0.20 -9.45
CA ARG A 239 -8.89 -1.40 -8.62
C ARG A 239 -7.71 -2.23 -9.15
N THR A 240 -7.39 -1.97 -10.41
CA THR A 240 -6.36 -2.68 -11.08
C THR A 240 -4.96 -2.11 -10.89
N PHE A 241 -3.98 -2.92 -11.32
CA PHE A 241 -2.59 -2.55 -11.16
C PHE A 241 -1.89 -2.58 -12.50
N GLN A 242 -0.72 -1.95 -12.53
CA GLN A 242 0.13 -1.87 -13.70
C GLN A 242 1.58 -2.15 -13.30
N LYS A 243 2.36 -2.67 -14.25
CA LYS A 243 3.80 -2.90 -14.00
C LYS A 243 4.49 -3.02 -15.36
N TRP A 244 5.77 -2.66 -15.41
CA TRP A 244 6.55 -2.97 -16.59
C TRP A 244 7.96 -3.39 -16.19
N ALA A 245 8.64 -4.06 -17.12
CA ALA A 245 10.01 -4.51 -16.97
C ALA A 245 10.73 -4.19 -18.27
N ALA A 246 11.93 -3.61 -18.18
CA ALA A 246 12.65 -3.19 -19.37
C ALA A 246 14.07 -3.72 -19.40
N VAL A 247 14.54 -3.99 -20.60
CA VAL A 247 15.93 -4.37 -20.86
C VAL A 247 16.46 -3.53 -22.01
N VAL A 248 17.76 -3.23 -21.96
CA VAL A 248 18.47 -2.58 -23.05
C VAL A 248 19.17 -3.66 -23.86
N VAL A 249 18.86 -3.74 -25.15
CA VAL A 249 19.34 -4.85 -25.98
C VAL A 249 20.11 -4.35 -27.19
N PRO A 250 21.07 -5.13 -27.68
CA PRO A 250 21.78 -4.73 -28.90
C PRO A 250 20.83 -4.76 -30.10
N SER A 251 20.94 -3.75 -30.96
CA SER A 251 20.10 -3.71 -32.15
C SER A 251 20.35 -4.94 -33.03
N GLY A 252 19.28 -5.57 -33.48
CA GLY A 252 19.39 -6.77 -34.24
C GLY A 252 19.31 -8.04 -33.41
N GLU A 253 19.28 -7.91 -32.09
CA GLU A 253 19.16 -9.07 -31.21
C GLU A 253 17.81 -9.12 -30.50
N GLU A 254 16.84 -8.30 -30.91
CA GLU A 254 15.59 -8.23 -30.16
C GLU A 254 14.90 -9.59 -30.06
N GLN A 255 14.98 -10.42 -31.11
CA GLN A 255 14.23 -11.66 -31.06
C GLN A 255 14.85 -12.70 -30.13
N ARG A 256 16.03 -12.42 -29.57
CA ARG A 256 16.62 -13.31 -28.57
C ARG A 256 16.04 -13.08 -27.19
N TYR A 257 15.14 -12.11 -27.04
CA TYR A 257 14.59 -11.74 -25.76
C TYR A 257 13.12 -12.14 -25.68
N THR A 258 12.74 -12.73 -24.54
CA THR A 258 11.37 -13.10 -24.27
C THR A 258 10.97 -12.61 -22.90
N CYS A 259 9.74 -12.08 -22.80
CA CYS A 259 9.17 -11.64 -21.55
C CYS A 259 8.24 -12.73 -21.02
N HIS A 260 8.33 -12.99 -19.72
CA HIS A 260 7.55 -14.04 -19.08
C HIS A 260 6.69 -13.45 -17.99
N VAL A 261 5.39 -13.79 -18.00
CA VAL A 261 4.43 -13.17 -17.11
C VAL A 261 3.72 -14.26 -16.32
N GLN A 262 3.76 -14.14 -15.00
CA GLN A 262 3.00 -15.04 -14.12
C GLN A 262 2.01 -14.22 -13.32
N HIS A 263 0.75 -14.68 -13.29
CA HIS A 263 -0.30 -13.99 -12.55
C HIS A 263 -1.40 -14.99 -12.27
N GLU A 264 -2.07 -14.84 -11.11
CA GLU A 264 -3.05 -15.86 -10.76
C GLU A 264 -4.27 -15.88 -11.68
N GLY A 265 -4.52 -14.81 -12.44
CA GLY A 265 -5.60 -14.80 -13.41
C GLY A 265 -5.29 -15.49 -14.73
N LEU A 266 -4.03 -15.91 -14.94
CA LEU A 266 -3.61 -16.63 -16.14
C LEU A 266 -3.65 -18.13 -15.88
N PRO A 267 -4.27 -18.92 -16.75
CA PRO A 267 -4.22 -20.39 -16.57
C PRO A 267 -2.81 -20.94 -16.69
N LYS A 268 -1.95 -20.28 -17.46
CA LYS A 268 -0.58 -20.72 -17.65
C LYS A 268 0.30 -19.47 -17.76
N PRO A 269 1.57 -19.56 -17.37
CA PRO A 269 2.46 -18.42 -17.57
C PRO A 269 2.56 -18.08 -19.05
N LEU A 270 2.69 -16.79 -19.34
CA LEU A 270 2.68 -16.27 -20.69
C LEU A 270 4.10 -15.92 -21.14
N THR A 271 4.39 -16.19 -22.40
CA THR A 271 5.64 -15.82 -23.00
C THR A 271 5.31 -14.89 -24.17
N LEU A 272 5.96 -13.75 -24.15
CA LEU A 272 5.82 -12.76 -25.20
C LEU A 272 7.16 -12.14 -25.66
N ARG A 273 7.07 -11.59 -26.86
CA ARG A 273 8.20 -10.98 -27.51
C ARG A 273 7.81 -9.73 -28.30
N TRP A 274 8.83 -8.96 -28.66
CA TRP A 274 8.54 -7.82 -29.50
C TRP A 274 8.03 -8.32 -30.85
N GLU A 275 6.92 -7.75 -31.30
CA GLU A 275 6.27 -8.12 -32.55
C GLU A 275 6.30 -6.93 -33.49
N PRO A 276 7.34 -6.80 -34.33
CA PRO A 276 7.44 -5.67 -35.27
C PRO A 276 6.57 -5.81 -36.51
N MET B 1 17.00 7.93 9.33
CA MET B 1 15.71 7.31 9.59
C MET B 1 14.63 7.83 8.65
N GLN B 2 15.03 8.53 7.59
CA GLN B 2 14.08 9.07 6.63
C GLN B 2 14.30 8.46 5.25
N ARG B 3 13.21 8.32 4.51
CA ARG B 3 13.21 7.69 3.20
C ARG B 3 12.52 8.59 2.18
N THR B 4 13.19 8.83 1.06
CA THR B 4 12.69 9.78 0.07
C THR B 4 11.69 9.09 -0.86
N PRO B 5 10.69 9.83 -1.35
CA PRO B 5 9.67 9.18 -2.18
C PRO B 5 10.17 8.78 -3.56
N LYS B 6 9.72 7.60 -4.00
CA LYS B 6 9.71 7.24 -5.41
C LYS B 6 8.45 7.84 -6.02
N ILE B 7 8.53 8.18 -7.32
CA ILE B 7 7.47 8.94 -7.98
C ILE B 7 7.23 8.34 -9.36
N GLN B 8 5.99 7.96 -9.65
CA GLN B 8 5.62 7.55 -11.00
C GLN B 8 4.44 8.39 -11.46
N VAL B 9 4.52 8.91 -12.68
CA VAL B 9 3.44 9.70 -13.27
C VAL B 9 2.95 8.99 -14.53
N TYR B 10 1.65 8.75 -14.61
CA TYR B 10 1.12 7.84 -15.63
C TYR B 10 -0.39 8.03 -15.71
N SER B 11 -1.00 7.38 -16.71
CA SER B 11 -2.43 7.48 -16.87
C SER B 11 -3.12 6.15 -16.54
N ARG B 12 -4.40 6.25 -16.18
CA ARG B 12 -5.16 5.05 -15.81
C ARG B 12 -5.32 4.12 -17.00
N HIS B 13 -5.58 4.68 -18.19
CA HIS B 13 -5.75 4.01 -19.47
C HIS B 13 -4.68 4.46 -20.43
N PRO B 14 -4.34 3.66 -21.46
CA PRO B 14 -3.41 4.14 -22.48
C PRO B 14 -3.89 5.47 -23.04
N ALA B 15 -2.96 6.40 -23.20
CA ALA B 15 -3.33 7.76 -23.57
C ALA B 15 -3.76 7.82 -25.03
N GLU B 16 -4.91 8.44 -25.27
CA GLU B 16 -5.40 8.76 -26.61
C GLU B 16 -5.76 10.25 -26.64
N ASN B 17 -5.07 11.02 -27.48
CA ASN B 17 -5.31 12.45 -27.53
C ASN B 17 -6.79 12.72 -27.77
N GLY B 18 -7.35 13.62 -26.95
CA GLY B 18 -8.74 13.97 -27.03
C GLY B 18 -9.71 13.05 -26.31
N LYS B 19 -9.25 11.98 -25.67
CA LYS B 19 -10.13 11.07 -24.95
C LYS B 19 -9.88 11.19 -23.45
N SER B 20 -10.96 11.32 -22.69
CA SER B 20 -10.87 11.55 -21.26
C SER B 20 -10.19 10.37 -20.56
N ASN B 21 -9.43 10.68 -19.53
CA ASN B 21 -8.57 9.71 -18.86
C ASN B 21 -8.41 10.17 -17.41
N PHE B 22 -7.53 9.48 -16.67
CA PHE B 22 -7.10 9.94 -15.36
C PHE B 22 -5.60 10.02 -15.35
N LEU B 23 -5.10 11.13 -14.81
CA LEU B 23 -3.67 11.36 -14.59
C LEU B 23 -3.35 10.99 -13.15
N ASN B 24 -2.36 10.11 -12.99
CA ASN B 24 -1.98 9.57 -11.69
C ASN B 24 -0.56 9.99 -11.34
N CYS B 25 -0.37 10.37 -10.08
CA CYS B 25 0.97 10.50 -9.51
C CYS B 25 1.01 9.59 -8.29
N TYR B 26 1.79 8.52 -8.36
CA TYR B 26 1.91 7.53 -7.29
C TYR B 26 3.23 7.76 -6.56
N VAL B 27 3.14 8.12 -5.29
CA VAL B 27 4.34 8.35 -4.48
C VAL B 27 4.44 7.24 -3.46
N SER B 28 5.63 6.66 -3.33
CA SER B 28 5.76 5.48 -2.49
C SER B 28 7.15 5.42 -1.89
N GLY B 29 7.28 4.53 -0.91
CA GLY B 29 8.59 4.27 -0.34
C GLY B 29 9.11 5.34 0.59
N PHE B 30 8.28 6.28 1.03
CA PHE B 30 8.76 7.43 1.79
C PHE B 30 8.42 7.29 3.27
N HIS B 31 9.19 8.02 4.07
CA HIS B 31 9.00 8.05 5.51
C HIS B 31 9.73 9.29 6.03
N PRO B 32 9.09 10.14 6.86
CA PRO B 32 7.75 10.08 7.43
C PRO B 32 6.65 10.39 6.42
N SER B 33 5.40 10.44 6.90
CA SER B 33 4.24 10.42 6.02
C SER B 33 3.87 11.78 5.44
N ASP B 34 4.32 12.89 6.05
CA ASP B 34 3.95 14.20 5.50
C ASP B 34 4.57 14.37 4.14
N ILE B 35 3.76 14.80 3.18
CA ILE B 35 4.21 14.92 1.80
C ILE B 35 3.28 15.90 1.08
N GLU B 36 3.84 16.66 0.15
CA GLU B 36 3.10 17.66 -0.61
C GLU B 36 3.17 17.25 -2.08
N VAL B 37 2.00 17.02 -2.69
CA VAL B 37 1.95 16.61 -4.09
C VAL B 37 0.99 17.50 -4.85
N ASP B 38 1.48 18.07 -5.95
CA ASP B 38 0.65 18.83 -6.89
C ASP B 38 0.72 18.17 -8.25
N LEU B 39 -0.41 18.16 -8.95
CA LEU B 39 -0.40 17.80 -10.36
C LEU B 39 -0.40 19.09 -11.16
N LEU B 40 0.38 19.12 -12.23
CA LEU B 40 0.57 20.35 -13.00
C LEU B 40 0.14 20.17 -14.44
N LYS B 41 -0.52 21.19 -14.98
CA LYS B 41 -0.87 21.26 -16.40
C LYS B 41 -0.16 22.49 -16.96
N ASN B 42 0.78 22.27 -17.87
CA ASN B 42 1.57 23.36 -18.44
C ASN B 42 2.17 24.25 -17.34
N GLY B 43 2.64 23.61 -16.27
CA GLY B 43 3.30 24.29 -15.19
C GLY B 43 2.39 24.83 -14.11
N GLU B 44 1.08 24.77 -14.27
CA GLU B 44 0.16 25.37 -13.32
C GLU B 44 -0.54 24.28 -12.51
N ARG B 45 -0.77 24.54 -11.23
CA ARG B 45 -1.37 23.55 -10.35
C ARG B 45 -2.81 23.28 -10.76
N ILE B 46 -3.17 21.99 -10.87
CA ILE B 46 -4.54 21.59 -11.12
C ILE B 46 -5.29 21.60 -9.79
N GLU B 47 -6.48 22.23 -9.78
CA GLU B 47 -7.25 22.28 -8.54
C GLU B 47 -8.06 20.99 -8.32
N LYS B 48 -8.39 20.72 -7.05
CA LYS B 48 -9.34 19.66 -6.71
C LYS B 48 -8.82 18.25 -7.00
N VAL B 49 -7.50 18.06 -7.04
CA VAL B 49 -6.92 16.73 -7.16
C VAL B 49 -7.31 15.90 -5.94
N GLU B 50 -7.62 14.62 -6.15
CA GLU B 50 -7.97 13.73 -5.04
C GLU B 50 -6.81 12.81 -4.71
N HIS B 51 -6.87 12.19 -3.52
CA HIS B 51 -5.81 11.24 -3.20
C HIS B 51 -6.36 10.10 -2.37
N SER B 52 -5.61 8.99 -2.39
CA SER B 52 -5.99 7.83 -1.62
C SER B 52 -5.77 8.05 -0.11
N ASP B 53 -6.31 7.12 0.68
CA ASP B 53 -6.09 7.12 2.13
C ASP B 53 -4.71 6.57 2.46
N LEU B 54 -4.03 7.25 3.38
CA LEU B 54 -2.67 6.86 3.77
C LEU B 54 -2.59 5.40 4.16
N SER B 55 -1.70 4.65 3.50
CA SER B 55 -1.39 3.30 3.90
C SER B 55 0.11 3.09 3.73
N PHE B 56 0.56 1.87 4.02
CA PHE B 56 1.98 1.63 4.00
C PHE B 56 2.28 0.18 3.63
N SER B 57 3.54 -0.02 3.23
CA SER B 57 4.04 -1.29 2.72
C SER B 57 4.62 -2.13 3.85
N LYS B 58 5.00 -3.36 3.52
CA LYS B 58 5.54 -4.25 4.55
C LYS B 58 6.83 -3.73 5.17
N ASP B 59 7.54 -2.83 4.51
CA ASP B 59 8.73 -2.23 5.10
C ASP B 59 8.43 -0.92 5.83
N TRP B 60 7.15 -0.64 6.10
CA TRP B 60 6.65 0.53 6.84
C TRP B 60 6.69 1.81 6.01
N SER B 61 7.19 1.81 4.78
CA SER B 61 7.19 3.04 4.02
C SER B 61 5.79 3.31 3.48
N PHE B 62 5.47 4.60 3.34
CA PHE B 62 4.11 5.00 2.97
C PHE B 62 3.93 5.07 1.46
N TYR B 63 2.66 4.99 1.04
CA TYR B 63 2.32 5.25 -0.35
C TYR B 63 0.98 5.96 -0.44
N LEU B 64 0.83 6.75 -1.51
CA LEU B 64 -0.36 7.54 -1.81
C LEU B 64 -0.50 7.66 -3.31
N LEU B 65 -1.73 7.57 -3.78
CA LEU B 65 -2.06 7.87 -5.17
C LEU B 65 -2.79 9.21 -5.22
N TYR B 66 -2.25 10.17 -5.99
CA TYR B 66 -2.93 11.42 -6.34
C TYR B 66 -3.45 11.33 -7.76
N TYR B 67 -4.66 11.82 -7.99
CA TYR B 67 -5.23 11.60 -9.32
C TYR B 67 -6.23 12.69 -9.68
N THR B 68 -6.38 12.89 -10.97
CA THR B 68 -7.34 13.86 -11.47
C THR B 68 -7.77 13.47 -12.88
N GLU B 69 -9.01 13.80 -13.22
CA GLU B 69 -9.46 13.57 -14.59
C GLU B 69 -8.73 14.52 -15.54
N PHE B 70 -8.42 14.02 -16.74
CA PHE B 70 -7.78 14.89 -17.72
C PHE B 70 -8.02 14.32 -19.12
N THR B 71 -7.92 15.22 -20.10
CA THR B 71 -8.02 14.83 -21.51
C THR B 71 -6.70 15.17 -22.17
N PRO B 72 -5.83 14.19 -22.42
CA PRO B 72 -4.52 14.50 -23.01
C PRO B 72 -4.67 15.05 -24.43
N THR B 73 -3.77 15.97 -24.77
CA THR B 73 -3.65 16.49 -26.12
C THR B 73 -2.20 16.35 -26.55
N GLU B 74 -1.93 16.76 -27.80
CA GLU B 74 -0.57 16.63 -28.31
C GLU B 74 0.39 17.58 -27.62
N LYS B 75 -0.06 18.79 -27.33
CA LYS B 75 0.84 19.84 -26.85
C LYS B 75 0.82 20.02 -25.34
N ASP B 76 -0.25 19.62 -24.65
CA ASP B 76 -0.34 19.92 -23.22
C ASP B 76 0.67 19.06 -22.46
N GLU B 77 1.38 19.70 -21.54
CA GLU B 77 2.38 19.02 -20.73
C GLU B 77 1.84 18.83 -19.32
N TYR B 78 2.05 17.64 -18.76
CA TYR B 78 1.61 17.33 -17.41
C TYR B 78 2.80 16.85 -16.60
N ALA B 79 2.73 17.10 -15.30
CA ALA B 79 3.80 16.70 -14.40
C ALA B 79 3.22 16.53 -13.00
N CYS B 80 3.95 15.89 -12.12
CA CYS B 80 3.59 16.07 -10.72
C CYS B 80 4.83 16.57 -9.98
N ARG B 81 4.57 17.41 -8.97
CA ARG B 81 5.59 18.09 -8.20
C ARG B 81 5.46 17.63 -6.76
N VAL B 82 6.56 17.15 -6.19
CA VAL B 82 6.53 16.48 -4.89
C VAL B 82 7.50 17.19 -3.95
N ASN B 83 7.04 17.50 -2.74
CA ASN B 83 7.97 17.92 -1.69
C ASN B 83 7.85 17.00 -0.47
N HIS B 84 8.97 16.83 0.19
CA HIS B 84 9.09 15.91 1.31
C HIS B 84 10.28 16.42 2.12
N VAL B 85 10.30 16.07 3.41
CA VAL B 85 11.40 16.55 4.26
C VAL B 85 12.77 16.14 3.69
N THR B 86 12.84 15.01 2.99
CA THR B 86 14.08 14.50 2.43
C THR B 86 14.56 15.28 1.20
N LEU B 87 13.76 16.22 0.70
CA LEU B 87 14.06 16.92 -0.55
C LEU B 87 14.40 18.38 -0.27
N SER B 88 15.55 18.83 -0.79
CA SER B 88 15.96 20.22 -0.64
C SER B 88 15.04 21.16 -1.40
N GLN B 89 14.58 20.73 -2.56
CA GLN B 89 13.64 21.49 -3.38
C GLN B 89 12.59 20.53 -3.91
N PRO B 90 11.43 21.01 -4.32
CA PRO B 90 10.43 20.12 -4.91
C PRO B 90 11.00 19.39 -6.12
N LYS B 91 10.62 18.13 -6.26
CA LYS B 91 10.99 17.31 -7.41
C LYS B 91 9.82 17.30 -8.38
N ILE B 92 10.10 17.64 -9.64
CA ILE B 92 9.10 17.63 -10.70
C ILE B 92 9.40 16.45 -11.62
N VAL B 93 8.41 15.58 -11.81
CA VAL B 93 8.51 14.46 -12.74
C VAL B 93 7.49 14.68 -13.85
N LYS B 94 7.96 14.75 -15.09
CA LYS B 94 7.07 14.99 -16.21
C LYS B 94 6.35 13.70 -16.60
N TRP B 95 5.09 13.85 -17.03
CA TRP B 95 4.36 12.72 -17.58
C TRP B 95 4.93 12.35 -18.95
N ASP B 96 5.31 11.08 -19.09
CA ASP B 96 5.77 10.51 -20.36
C ASP B 96 4.80 9.39 -20.70
N ARG B 97 4.02 9.58 -21.76
CA ARG B 97 2.94 8.62 -22.01
C ARG B 97 3.44 7.22 -22.36
N ASP B 98 4.75 6.99 -22.43
CA ASP B 98 5.31 5.66 -22.66
C ASP B 98 5.98 5.09 -21.42
N MET B 99 5.72 5.66 -20.24
CA MET B 99 6.33 5.21 -18.99
C MET B 99 5.33 4.85 -17.88
N GLN C 1 -13.83 -6.71 10.47
CA GLN C 1 -14.04 -6.04 11.74
C GLN C 1 -12.71 -5.92 12.49
N ALA C 2 -12.40 -4.70 12.95
CA ALA C 2 -11.16 -4.47 13.67
C ALA C 2 -11.23 -5.11 15.06
N THR C 3 -10.07 -5.28 15.69
CA THR C 3 -10.07 -5.73 17.08
C THR C 3 -9.79 -4.55 18.01
N GLN C 4 -10.10 -4.76 19.29
CA GLN C 4 -9.89 -3.72 20.29
C GLN C 4 -8.47 -3.75 20.82
N GLU C 5 -7.93 -2.58 21.19
CA GLU C 5 -6.65 -2.55 21.87
C GLU C 5 -6.78 -3.24 23.22
N VAL C 6 -5.74 -3.96 23.61
CA VAL C 6 -5.72 -4.72 24.87
C VAL C 6 -4.94 -3.97 25.95
N LYS C 7 -3.75 -3.48 25.62
CA LYS C 7 -2.84 -2.89 26.59
C LYS C 7 -2.03 -1.83 25.88
N ASN C 8 -1.64 -0.79 26.61
CA ASN C 8 -0.69 0.17 26.08
C ASN C 8 0.68 -0.47 25.89
N TRP C 9 1.53 0.21 25.14
CA TRP C 9 2.95 -0.10 25.07
C TRP C 9 3.63 -0.03 26.43
C1 GOL D . -2.11 -5.82 1.24
O1 GOL D . -2.50 -6.13 2.56
C2 GOL D . -2.98 -4.70 0.71
O2 GOL D . -2.68 -4.44 -0.66
C3 GOL D . -2.64 -3.44 1.47
O3 GOL D . -1.29 -3.13 1.18
C1 GOL E . 23.85 -7.12 -32.69
O1 GOL E . 23.42 -7.85 -33.81
C2 GOL E . 25.35 -6.83 -32.73
O2 GOL E . 25.98 -7.65 -33.68
C3 GOL E . 25.91 -7.15 -31.37
O3 GOL E . 26.70 -6.08 -30.90
C1 GOL F . -19.01 -13.28 12.73
O1 GOL F . -19.12 -12.65 13.97
C2 GOL F . -20.32 -13.09 11.97
O2 GOL F . -21.07 -12.08 12.60
C3 GOL F . -20.02 -12.68 10.55
O3 GOL F . -21.17 -12.91 9.77
#